data_2PQQ
#
_entry.id   2PQQ
#
_cell.length_a   39.852
_cell.length_b   100.946
_cell.length_c   144.119
_cell.angle_alpha   90.00
_cell.angle_beta   90.00
_cell.angle_gamma   90.00
#
_symmetry.space_group_name_H-M   'P 21 21 21'
#
loop_
_entity.id
_entity.type
_entity.pdbx_description
1 polymer 'Putative transcriptional regulator'
2 non-polymer 'FORMIC ACID'
3 water water
#
_entity_poly.entity_id   1
_entity_poly.type   'polypeptide(L)'
_entity_poly.pdbx_seq_one_letter_code
;GH(MSE)DDVLRRNPLFAALDDEQSAELRAS(MSE)SEVTLARGDTLFHEGDPGDRLYVVTEGKVKLHRTSPDGREN
(MSE)LAVVGPSELIGELSLFDPGPRTATGTALTEVKLLALGHGDLQPWLNVRPEVATALLRAVARRLRKTNDA(MSE)S
DLVFSDGS
;
_entity_poly.pdbx_strand_id   A,B,C,D
#
# COMPACT_ATOMS: atom_id res chain seq x y z
N GLY A 1 2.55 -36.72 5.54
CA GLY A 1 2.96 -35.40 4.96
C GLY A 1 1.85 -34.69 4.23
N HIS A 2 1.28 -35.36 3.21
CA HIS A 2 0.22 -34.76 2.37
C HIS A 2 -1.15 -34.73 3.04
N ASP A 4 -2.42 -32.92 5.56
CA ASP A 4 -3.05 -31.62 5.78
C ASP A 4 -2.49 -30.54 4.85
N ASP A 5 -2.11 -30.96 3.66
CA ASP A 5 -1.53 -30.07 2.68
C ASP A 5 -2.53 -28.99 2.35
N VAL A 6 -3.83 -29.34 2.29
CA VAL A 6 -4.89 -28.35 2.04
C VAL A 6 -4.85 -27.16 3.00
N LEU A 7 -4.35 -27.40 4.22
CA LEU A 7 -4.33 -26.34 5.23
C LEU A 7 -3.11 -25.45 5.12
N ARG A 8 -2.15 -25.83 4.30
CA ARG A 8 -0.88 -25.11 4.25
C ARG A 8 -0.62 -24.29 2.98
N ARG A 9 -1.58 -24.30 2.06
CA ARG A 9 -1.46 -23.52 0.81
C ARG A 9 -1.93 -22.08 0.99
N ASN A 10 -1.28 -21.38 1.92
CA ASN A 10 -1.68 -20.04 2.32
C ASN A 10 -0.57 -19.42 3.19
N PRO A 11 -0.48 -18.08 3.20
CA PRO A 11 0.57 -17.33 3.90
C PRO A 11 0.52 -17.40 5.44
N LEU A 12 -0.52 -17.99 6.01
CA LEU A 12 -0.60 -18.05 7.47
C LEU A 12 -0.01 -19.33 8.02
N PHE A 13 -0.44 -20.46 7.43
CA PHE A 13 -0.10 -21.79 7.98
C PHE A 13 0.96 -22.52 7.15
N ALA A 14 1.56 -21.81 6.19
CA ALA A 14 2.49 -22.44 5.25
C ALA A 14 3.67 -23.11 5.93
N ALA A 15 4.14 -22.56 7.05
CA ALA A 15 5.38 -23.06 7.68
C ALA A 15 5.15 -24.09 8.77
N LEU A 16 3.89 -24.40 9.05
CA LEU A 16 3.55 -25.35 10.11
C LEU A 16 4.11 -26.70 9.75
N ASP A 17 4.67 -27.38 10.75
CA ASP A 17 5.11 -28.77 10.58
C ASP A 17 3.91 -29.72 10.56
N ASP A 18 4.16 -31.01 10.33
CA ASP A 18 3.10 -32.01 10.24
C ASP A 18 2.31 -32.13 11.56
N GLU A 19 3.01 -32.05 12.69
CA GLU A 19 2.33 -32.17 13.99
C GLU A 19 1.44 -30.96 14.24
N GLN A 20 1.94 -29.75 13.97
CA GLN A 20 1.16 -28.54 14.17
C GLN A 20 -0.05 -28.53 13.24
N SER A 21 0.13 -28.97 12.01
CA SER A 21 -0.95 -29.10 11.04
C SER A 21 -2.02 -30.10 11.52
N ALA A 22 -1.59 -31.19 12.16
CA ALA A 22 -2.54 -32.14 12.75
C ALA A 22 -3.37 -31.48 13.88
N GLU A 23 -2.73 -30.68 14.72
CA GLU A 23 -3.41 -29.99 15.83
C GLU A 23 -4.44 -28.99 15.31
N LEU A 24 -4.00 -28.18 14.34
CA LEU A 24 -4.87 -27.28 13.57
C LEU A 24 -6.10 -28.01 13.05
N ARG A 25 -5.89 -29.12 12.35
CA ARG A 25 -6.99 -29.90 11.79
C ARG A 25 -7.96 -30.42 12.84
N ALA A 26 -7.44 -30.97 13.94
CA ALA A 26 -8.30 -31.49 15.02
C ALA A 26 -9.11 -30.35 15.66
N SER A 27 -8.53 -29.15 15.66
CA SER A 27 -9.16 -27.97 16.28
C SER A 27 -10.29 -27.39 15.47
N SER A 29 -13.67 -27.02 12.81
CA SER A 29 -14.99 -27.60 12.61
C SER A 29 -15.40 -27.61 11.14
N GLU A 30 -16.14 -28.66 10.76
CA GLU A 30 -16.62 -28.84 9.39
C GLU A 30 -17.86 -27.98 9.20
N VAL A 31 -17.92 -27.30 8.07
CA VAL A 31 -19.11 -26.55 7.67
C VAL A 31 -19.48 -27.02 6.23
N THR A 32 -20.76 -27.23 5.94
CA THR A 32 -21.17 -27.54 4.57
C THR A 32 -22.35 -26.65 4.17
N LEU A 33 -22.23 -26.06 2.99
CA LEU A 33 -23.22 -25.15 2.47
C LEU A 33 -23.83 -25.78 1.24
N ALA A 34 -25.14 -25.63 1.07
CA ALA A 34 -25.80 -25.86 -0.22
C ALA A 34 -25.66 -24.62 -1.09
N ARG A 35 -25.80 -24.80 -2.40
CA ARG A 35 -25.76 -23.68 -3.34
CA ARG A 35 -25.76 -23.68 -3.34
C ARG A 35 -26.77 -22.59 -2.96
N GLY A 36 -26.31 -21.35 -2.98
CA GLY A 36 -27.15 -20.23 -2.59
C GLY A 36 -27.22 -19.99 -1.09
N ASP A 37 -26.63 -20.89 -0.30
CA ASP A 37 -26.46 -20.65 1.15
C ASP A 37 -25.49 -19.50 1.34
N THR A 38 -25.72 -18.70 2.38
CA THR A 38 -24.77 -17.65 2.72
C THR A 38 -23.89 -18.13 3.87
N LEU A 39 -22.58 -18.01 3.70
CA LEU A 39 -21.61 -18.32 4.76
C LEU A 39 -21.69 -17.31 5.91
N PHE A 40 -21.65 -16.04 5.54
CA PHE A 40 -21.91 -14.98 6.48
C PHE A 40 -22.39 -13.76 5.72
N HIS A 41 -23.01 -12.82 6.42
CA HIS A 41 -23.49 -11.60 5.79
C HIS A 41 -22.56 -10.46 6.10
N GLU A 42 -22.35 -9.56 5.15
CA GLU A 42 -21.60 -8.33 5.44
C GLU A 42 -22.20 -7.61 6.65
N GLY A 43 -21.34 -7.18 7.57
CA GLY A 43 -21.79 -6.58 8.83
C GLY A 43 -21.92 -7.52 10.02
N ASP A 44 -22.08 -8.82 9.76
CA ASP A 44 -22.11 -9.85 10.79
C ASP A 44 -20.86 -9.81 11.68
N PRO A 45 -21.02 -10.08 12.98
CA PRO A 45 -19.81 -10.30 13.78
C PRO A 45 -19.01 -11.43 13.16
N GLY A 46 -17.69 -11.27 13.05
CA GLY A 46 -16.84 -12.32 12.46
C GLY A 46 -15.63 -12.62 13.32
N ASP A 47 -15.41 -13.90 13.61
CA ASP A 47 -14.29 -14.28 14.49
C ASP A 47 -13.75 -15.65 14.10
N ARG A 48 -13.99 -16.02 12.85
CA ARG A 48 -13.59 -17.32 12.31
C ARG A 48 -12.86 -17.14 11.00
N LEU A 49 -11.87 -17.96 10.79
CA LEU A 49 -11.21 -18.18 9.54
C LEU A 49 -11.75 -19.45 8.92
N TYR A 50 -11.84 -19.52 7.60
CA TYR A 50 -12.27 -20.74 6.93
C TYR A 50 -11.22 -21.13 5.90
N VAL A 51 -11.08 -22.40 5.62
CA VAL A 51 -10.34 -22.87 4.46
C VAL A 51 -11.35 -23.63 3.66
N VAL A 52 -11.58 -23.21 2.43
CA VAL A 52 -12.52 -23.93 1.58
C VAL A 52 -11.88 -25.27 1.19
N THR A 53 -12.58 -26.38 1.36
CA THR A 53 -12.03 -27.67 0.93
C THR A 53 -12.68 -28.23 -0.35
N GLU A 54 -13.87 -27.75 -0.68
CA GLU A 54 -14.50 -28.04 -1.97
C GLU A 54 -15.61 -27.04 -2.27
N GLY A 55 -15.84 -26.81 -3.55
CA GLY A 55 -16.85 -25.86 -4.01
C GLY A 55 -16.27 -24.46 -4.12
N LYS A 56 -17.14 -23.51 -4.45
CA LYS A 56 -16.77 -22.12 -4.64
C LYS A 56 -17.68 -21.21 -3.82
N VAL A 57 -17.06 -20.25 -3.15
CA VAL A 57 -17.74 -19.19 -2.41
C VAL A 57 -17.44 -17.84 -3.08
N LYS A 58 -18.49 -17.14 -3.52
CA LYS A 58 -18.34 -15.78 -4.03
C LYS A 58 -18.44 -14.78 -2.87
N LEU A 59 -17.44 -13.91 -2.75
CA LEU A 59 -17.50 -12.84 -1.77
C LEU A 59 -18.00 -11.56 -2.47
N HIS A 60 -18.96 -10.86 -1.85
CA HIS A 60 -19.54 -9.62 -2.42
C HIS A 60 -19.95 -8.57 -1.38
N ARG A 61 -20.04 -7.31 -1.82
CA ARG A 61 -20.23 -6.15 -0.95
C ARG A 61 -21.29 -5.23 -1.57
N THR A 62 -22.10 -4.60 -0.72
CA THR A 62 -23.23 -3.82 -1.20
C THR A 62 -22.77 -2.46 -1.70
N SER A 63 -23.10 -2.17 -2.97
CA SER A 63 -22.72 -0.92 -3.63
C SER A 63 -23.46 0.28 -3.05
N PRO A 64 -22.85 1.49 -3.12
CA PRO A 64 -23.53 2.77 -2.84
C PRO A 64 -24.86 2.92 -3.57
N ASP A 65 -25.14 2.03 -4.51
CA ASP A 65 -26.37 2.06 -5.31
C ASP A 65 -27.30 0.87 -5.01
N GLY A 66 -26.95 0.05 -4.03
CA GLY A 66 -27.84 -1.02 -3.56
C GLY A 66 -27.59 -2.41 -4.12
N ARG A 67 -26.75 -2.52 -5.13
CA ARG A 67 -26.42 -3.81 -5.73
C ARG A 67 -25.23 -4.48 -5.01
N GLU A 68 -25.02 -5.77 -5.29
CA GLU A 68 -23.86 -6.48 -4.76
C GLU A 68 -22.74 -6.47 -5.79
N ASN A 69 -21.59 -5.93 -5.40
CA ASN A 69 -20.40 -5.99 -6.25
C ASN A 69 -19.58 -7.23 -5.92
N LEU A 71 -16.45 -9.46 -5.31
CA LEU A 71 -15.18 -9.15 -4.66
C LEU A 71 -14.11 -10.21 -4.90
N ALA A 72 -14.52 -11.48 -4.82
CA ALA A 72 -13.62 -12.63 -5.07
C ALA A 72 -14.46 -13.90 -5.28
N VAL A 73 -13.85 -14.91 -5.89
CA VAL A 73 -14.42 -16.27 -5.90
C VAL A 73 -13.38 -17.19 -5.27
N VAL A 74 -13.75 -17.80 -4.15
CA VAL A 74 -12.80 -18.56 -3.35
C VAL A 74 -13.06 -20.05 -3.50
N GLY A 75 -12.03 -20.79 -3.89
CA GLY A 75 -12.17 -22.23 -4.09
C GLY A 75 -11.26 -23.07 -3.21
N PRO A 76 -11.12 -24.37 -3.54
CA PRO A 76 -10.43 -25.29 -2.64
C PRO A 76 -9.02 -24.79 -2.24
N SER A 77 -8.74 -24.85 -0.95
CA SER A 77 -7.44 -24.53 -0.35
C SER A 77 -7.21 -23.03 -0.09
N GLU A 78 -8.21 -22.20 -0.40
CA GLU A 78 -8.10 -20.76 -0.18
C GLU A 78 -8.83 -20.31 1.08
N LEU A 79 -8.38 -19.21 1.67
CA LEU A 79 -8.87 -18.77 2.96
C LEU A 79 -9.95 -17.68 2.85
N ILE A 80 -10.85 -17.68 3.83
CA ILE A 80 -11.85 -16.64 3.99
C ILE A 80 -11.75 -16.16 5.43
N GLY A 81 -11.69 -14.84 5.62
CA GLY A 81 -11.75 -14.23 6.96
C GLY A 81 -10.53 -14.49 7.84
N GLU A 82 -9.37 -14.62 7.20
CA GLU A 82 -8.10 -14.98 7.85
C GLU A 82 -7.82 -14.20 9.13
N LEU A 83 -7.78 -12.86 9.02
CA LEU A 83 -7.34 -12.05 10.17
C LEU A 83 -8.39 -11.98 11.28
N SER A 84 -9.63 -12.35 10.96
CA SER A 84 -10.70 -12.39 11.95
C SER A 84 -10.46 -13.46 13.02
N LEU A 85 -9.64 -14.46 12.73
CA LEU A 85 -9.16 -15.38 13.75
C LEU A 85 -8.42 -14.63 14.89
N PHE A 86 -7.65 -13.60 14.54
CA PHE A 86 -6.83 -12.91 15.51
C PHE A 86 -7.47 -11.61 15.99
N ASP A 87 -8.23 -10.97 15.10
CA ASP A 87 -8.82 -9.68 15.37
C ASP A 87 -10.28 -9.71 14.93
N PRO A 88 -11.16 -10.37 15.73
CA PRO A 88 -12.59 -10.40 15.45
C PRO A 88 -13.17 -9.01 15.20
N GLY A 89 -14.07 -8.89 14.23
CA GLY A 89 -14.67 -7.62 13.89
C GLY A 89 -15.71 -7.86 12.81
N PRO A 90 -16.52 -6.84 12.47
CA PRO A 90 -17.62 -7.14 11.54
C PRO A 90 -17.14 -7.57 10.14
N ARG A 91 -17.84 -8.52 9.53
CA ARG A 91 -17.54 -8.93 8.15
C ARG A 91 -17.69 -7.75 7.18
N THR A 92 -16.75 -7.67 6.25
CA THR A 92 -16.71 -6.58 5.26
C THR A 92 -17.34 -7.06 3.95
N ALA A 93 -17.65 -8.34 3.87
CA ALA A 93 -18.32 -8.93 2.71
C ALA A 93 -19.35 -10.02 3.06
N THR A 94 -20.25 -10.30 2.11
CA THR A 94 -21.13 -11.46 2.18
C THR A 94 -20.51 -12.60 1.37
N GLY A 95 -20.54 -13.81 1.92
CA GLY A 95 -20.02 -14.96 1.23
C GLY A 95 -21.20 -15.83 0.88
N THR A 96 -21.35 -16.09 -0.41
CA THR A 96 -22.46 -16.88 -0.94
C THR A 96 -21.95 -18.12 -1.68
N ALA A 97 -22.45 -19.28 -1.31
CA ALA A 97 -22.06 -20.53 -1.91
C ALA A 97 -22.56 -20.54 -3.36
N LEU A 98 -21.66 -20.77 -4.30
CA LEU A 98 -22.06 -20.90 -5.71
C LEU A 98 -22.36 -22.34 -6.07
N THR A 99 -21.89 -23.25 -5.22
CA THR A 99 -22.04 -24.69 -5.43
C THR A 99 -22.27 -25.32 -4.06
N GLU A 100 -22.31 -26.65 -4.03
CA GLU A 100 -22.09 -27.37 -2.78
C GLU A 100 -20.70 -26.97 -2.30
N VAL A 101 -20.62 -26.52 -1.05
CA VAL A 101 -19.33 -26.12 -0.48
C VAL A 101 -19.08 -26.84 0.85
N LYS A 102 -17.84 -27.24 1.07
CA LYS A 102 -17.39 -27.69 2.37
C LYS A 102 -16.20 -26.83 2.77
N LEU A 103 -16.14 -26.50 4.06
CA LEU A 103 -15.10 -25.66 4.63
C LEU A 103 -14.66 -26.21 5.98
N LEU A 104 -13.45 -25.85 6.40
CA LEU A 104 -13.00 -26.09 7.77
C LEU A 104 -12.86 -24.73 8.43
N ALA A 105 -13.39 -24.58 9.63
CA ALA A 105 -13.40 -23.26 10.29
C ALA A 105 -12.56 -23.29 11.56
N LEU A 106 -11.81 -22.21 11.81
CA LEU A 106 -11.14 -22.07 13.12
C LEU A 106 -11.58 -20.75 13.73
N GLY A 107 -12.10 -20.79 14.95
CA GLY A 107 -12.58 -19.59 15.64
C GLY A 107 -11.51 -19.00 16.55
N HIS A 108 -11.60 -17.68 16.76
CA HIS A 108 -10.78 -17.03 17.76
C HIS A 108 -10.74 -17.81 19.09
N GLY A 109 -11.90 -18.30 19.53
CA GLY A 109 -12.06 -19.06 20.78
C GLY A 109 -11.24 -20.36 20.84
N ASP A 110 -10.86 -20.88 19.68
CA ASP A 110 -10.11 -22.14 19.60
C ASP A 110 -8.61 -21.95 19.63
N LEU A 111 -8.19 -20.70 19.61
CA LEU A 111 -6.78 -20.37 19.53
C LEU A 111 -6.07 -20.63 20.84
N GLN A 112 -6.61 -20.10 21.93
CA GLN A 112 -5.98 -20.29 23.23
C GLN A 112 -5.73 -21.75 23.61
N PRO A 113 -6.74 -22.63 23.45
CA PRO A 113 -6.45 -24.03 23.79
C PRO A 113 -5.34 -24.62 22.92
N TRP A 114 -5.29 -24.22 21.65
CA TRP A 114 -4.24 -24.73 20.78
C TRP A 114 -2.88 -24.23 21.24
N LEU A 115 -2.76 -22.92 21.49
CA LEU A 115 -1.49 -22.36 22.01
C LEU A 115 -1.07 -22.97 23.34
N ASN A 116 -2.04 -23.29 24.19
CA ASN A 116 -1.78 -23.97 25.47
C ASN A 116 -1.22 -25.37 25.33
N VAL A 117 -1.68 -26.09 24.31
CA VAL A 117 -1.18 -27.44 24.02
C VAL A 117 0.19 -27.38 23.33
N ARG A 118 0.40 -26.35 22.52
CA ARG A 118 1.57 -26.29 21.63
C ARG A 118 2.07 -24.84 21.53
N PRO A 119 2.85 -24.42 22.52
CA PRO A 119 3.25 -23.03 22.71
C PRO A 119 4.10 -22.47 21.56
N GLU A 120 4.80 -23.35 20.83
CA GLU A 120 5.60 -22.95 19.67
C GLU A 120 4.76 -22.35 18.55
N VAL A 121 3.46 -22.65 18.54
CA VAL A 121 2.54 -22.18 17.53
C VAL A 121 2.40 -20.66 17.59
N ALA A 122 2.42 -20.09 18.81
CA ALA A 122 2.25 -18.64 18.99
C ALA A 122 3.36 -17.91 18.26
N THR A 123 4.59 -18.38 18.47
CA THR A 123 5.76 -17.87 17.81
C THR A 123 5.68 -18.01 16.28
N ALA A 124 5.22 -19.18 15.83
CA ALA A 124 5.07 -19.43 14.39
C ALA A 124 3.98 -18.56 13.76
N LEU A 125 2.85 -18.41 14.46
CA LEU A 125 1.80 -17.52 13.94
C LEU A 125 2.25 -16.08 13.93
N LEU A 126 2.92 -15.63 14.99
CA LEU A 126 3.47 -14.27 15.06
C LEU A 126 4.46 -14.01 13.93
N ARG A 127 5.33 -14.98 13.68
CA ARG A 127 6.27 -14.93 12.56
C ARG A 127 5.55 -14.70 11.25
N ALA A 128 4.57 -15.53 10.94
CA ALA A 128 3.84 -15.48 9.67
C ALA A 128 3.18 -14.13 9.44
N VAL A 129 2.43 -13.66 10.44
CA VAL A 129 1.76 -12.36 10.34
C VAL A 129 2.78 -11.21 10.24
N ALA A 130 3.84 -11.25 11.04
CA ALA A 130 4.89 -10.21 10.99
C ALA A 130 5.55 -10.13 9.62
N ARG A 131 5.74 -11.30 9.01
CA ARG A 131 6.39 -11.40 7.69
C ARG A 131 5.61 -10.61 6.63
N ARG A 132 4.32 -10.87 6.56
CA ARG A 132 3.47 -10.17 5.62
C ARG A 132 3.35 -8.68 5.85
N LEU A 133 3.20 -8.30 7.12
CA LEU A 133 3.14 -6.89 7.51
C LEU A 133 4.45 -6.19 7.12
N ARG A 134 5.55 -6.95 7.21
CA ARG A 134 6.86 -6.51 6.77
C ARG A 134 6.91 -6.25 5.27
N LYS A 135 6.50 -7.23 4.47
CA LYS A 135 6.51 -7.09 3.00
C LYS A 135 5.65 -5.90 2.57
N THR A 136 4.42 -5.84 3.09
CA THR A 136 3.52 -4.72 2.82
C THR A 136 4.22 -3.38 3.08
N ASN A 137 4.73 -3.18 4.28
CA ASN A 137 5.29 -1.88 4.62
C ASN A 137 6.68 -1.63 4.03
N ASP A 138 7.54 -2.66 4.03
CA ASP A 138 8.98 -2.48 3.74
C ASP A 138 9.42 -2.85 2.33
N ALA A 139 9.26 -4.11 1.94
CA ALA A 139 9.58 -4.54 0.57
C ALA A 139 8.88 -3.66 -0.47
N LEU A 143 7.00 3.44 -2.28
CA LEU A 143 5.88 4.31 -2.70
C LEU A 143 6.11 5.77 -2.29
N VAL A 144 6.66 5.94 -1.09
CA VAL A 144 7.13 7.25 -0.57
C VAL A 144 6.12 8.44 -0.70
N PHE A 145 6.53 9.53 -1.38
CA PHE A 145 5.84 10.83 -1.34
C PHE A 145 5.59 11.26 0.11
N SER A 146 6.67 11.33 0.89
CA SER A 146 6.63 12.02 2.19
C SER A 146 7.04 13.45 1.87
N ASP A 147 6.18 14.17 1.14
CA ASP A 147 6.54 15.49 0.62
C ASP A 147 5.51 16.61 0.86
N GLY A 148 4.45 16.32 1.62
CA GLY A 148 3.49 17.34 2.05
C GLY A 148 2.16 17.53 1.33
N SER A 149 2.14 17.33 0.01
CA SER A 149 1.07 17.87 -0.89
C SER A 149 -0.39 17.96 -0.39
N ASP B 4 -24.99 9.36 -19.40
CA ASP B 4 -25.36 8.46 -20.48
C ASP B 4 -24.12 8.10 -21.30
N ASP B 5 -23.08 8.92 -21.13
CA ASP B 5 -21.87 8.80 -21.89
C ASP B 5 -21.05 7.58 -21.43
N VAL B 6 -20.85 6.63 -22.34
CA VAL B 6 -20.08 5.42 -22.04
C VAL B 6 -18.62 5.74 -21.67
N LEU B 7 -18.18 6.96 -22.01
CA LEU B 7 -16.83 7.41 -21.72
C LEU B 7 -16.68 8.17 -20.38
N ARG B 8 -17.73 8.83 -19.92
CA ARG B 8 -17.58 9.73 -18.79
C ARG B 8 -18.09 9.16 -17.48
N ARG B 9 -18.34 7.86 -17.47
CA ARG B 9 -18.76 7.18 -16.24
C ARG B 9 -17.57 6.68 -15.42
N ASN B 10 -16.36 6.91 -15.88
CA ASN B 10 -15.16 6.50 -15.16
C ASN B 10 -14.37 7.73 -14.70
N PRO B 11 -13.63 7.62 -13.58
CA PRO B 11 -12.90 8.76 -13.04
C PRO B 11 -11.89 9.38 -14.02
N LEU B 12 -11.32 8.58 -14.92
CA LEU B 12 -10.37 9.10 -15.90
C LEU B 12 -10.91 10.17 -16.86
N PHE B 13 -12.09 9.93 -17.40
CA PHE B 13 -12.62 10.83 -18.40
C PHE B 13 -13.81 11.65 -17.88
N ALA B 14 -14.19 11.45 -16.62
CA ALA B 14 -15.41 12.05 -16.05
C ALA B 14 -15.47 13.58 -16.06
N ALA B 15 -14.30 14.22 -16.19
CA ALA B 15 -14.17 15.68 -16.20
C ALA B 15 -14.54 16.33 -17.52
N LEU B 16 -14.31 15.62 -18.62
CA LEU B 16 -14.47 16.14 -19.97
C LEU B 16 -15.87 16.68 -20.29
N ASP B 17 -15.93 17.60 -21.25
CA ASP B 17 -17.22 18.11 -21.74
C ASP B 17 -17.74 17.30 -22.93
N ASP B 18 -18.97 17.60 -23.35
CA ASP B 18 -19.67 16.85 -24.39
C ASP B 18 -18.93 16.73 -25.73
N GLU B 19 -18.33 17.83 -26.18
CA GLU B 19 -17.68 17.85 -27.49
C GLU B 19 -16.36 17.08 -27.47
N GLN B 20 -15.59 17.25 -26.40
CA GLN B 20 -14.33 16.52 -26.27
C GLN B 20 -14.46 15.01 -26.03
N SER B 21 -15.61 14.57 -25.50
CA SER B 21 -15.88 13.13 -25.41
C SER B 21 -16.25 12.54 -26.76
N ALA B 22 -17.08 13.26 -27.53
CA ALA B 22 -17.51 12.82 -28.86
C ALA B 22 -16.33 12.64 -29.81
N GLU B 23 -15.40 13.60 -29.76
CA GLU B 23 -14.16 13.52 -30.50
C GLU B 23 -13.34 12.31 -30.05
N LEU B 24 -13.08 12.22 -28.73
CA LEU B 24 -12.36 11.09 -28.15
C LEU B 24 -12.97 9.78 -28.63
N ARG B 25 -14.29 9.61 -28.49
CA ARG B 25 -14.98 8.41 -29.01
C ARG B 25 -14.64 8.08 -30.47
N ALA B 26 -14.75 9.07 -31.35
CA ALA B 26 -14.61 8.85 -32.81
C ALA B 26 -13.17 8.62 -33.27
N SER B 27 -12.24 8.95 -32.38
CA SER B 27 -10.81 8.70 -32.54
C SER B 27 -10.34 7.35 -31.97
N SER B 29 -10.48 3.17 -31.47
CA SER B 29 -10.77 2.08 -32.41
C SER B 29 -11.79 1.14 -31.78
N GLU B 30 -12.74 0.70 -32.59
CA GLU B 30 -13.71 -0.32 -32.22
C GLU B 30 -13.03 -1.70 -32.22
N VAL B 31 -13.28 -2.49 -31.18
CA VAL B 31 -12.84 -3.88 -31.09
C VAL B 31 -14.03 -4.81 -30.81
N THR B 32 -14.05 -5.94 -31.50
CA THR B 32 -15.08 -6.97 -31.33
C THR B 32 -14.45 -8.31 -30.93
N LEU B 33 -15.02 -8.92 -29.89
CA LEU B 33 -14.63 -10.23 -29.40
C LEU B 33 -15.86 -11.14 -29.39
N ALA B 34 -15.67 -12.40 -29.76
CA ALA B 34 -16.70 -13.41 -29.55
C ALA B 34 -16.44 -14.09 -28.21
N ARG B 35 -17.50 -14.60 -27.60
CA ARG B 35 -17.39 -15.38 -26.38
C ARG B 35 -16.23 -16.37 -26.48
N GLY B 36 -15.31 -16.29 -25.52
CA GLY B 36 -14.12 -17.14 -25.51
C GLY B 36 -12.86 -16.52 -26.11
N ASP B 37 -13.01 -15.39 -26.81
CA ASP B 37 -11.86 -14.66 -27.35
C ASP B 37 -11.01 -14.09 -26.19
N THR B 38 -9.72 -13.95 -26.47
CA THR B 38 -8.80 -13.37 -25.53
C THR B 38 -8.61 -11.94 -25.97
N LEU B 39 -8.82 -11.00 -25.05
CA LEU B 39 -8.53 -9.61 -25.33
C LEU B 39 -7.02 -9.46 -25.30
N PHE B 40 -6.42 -10.08 -24.29
CA PHE B 40 -4.97 -10.10 -24.09
C PHE B 40 -4.58 -11.14 -23.05
N HIS B 41 -3.32 -11.55 -23.08
CA HIS B 41 -2.79 -12.54 -22.17
C HIS B 41 -1.93 -11.87 -21.10
N GLU B 42 -1.97 -12.37 -19.87
CA GLU B 42 -1.13 -11.82 -18.80
C GLU B 42 0.31 -11.84 -19.28
N GLY B 43 1.03 -10.73 -19.14
CA GLY B 43 2.43 -10.69 -19.61
C GLY B 43 2.62 -10.05 -20.97
N ASP B 44 1.61 -10.15 -21.84
CA ASP B 44 1.60 -9.48 -23.15
C ASP B 44 2.03 -8.02 -23.02
N PRO B 45 2.79 -7.50 -24.00
CA PRO B 45 3.01 -6.06 -23.97
C PRO B 45 1.65 -5.36 -24.08
N GLY B 46 1.42 -4.32 -23.28
CA GLY B 46 0.16 -3.57 -23.41
C GLY B 46 0.44 -2.12 -23.62
N ASP B 47 -0.29 -1.48 -24.54
CA ASP B 47 -0.15 -0.03 -24.74
C ASP B 47 -1.48 0.70 -24.91
N ARG B 48 -2.59 0.10 -24.51
CA ARG B 48 -3.89 0.72 -24.72
CA ARG B 48 -3.89 0.70 -24.75
C ARG B 48 -4.88 0.40 -23.63
N LEU B 49 -5.76 1.32 -23.38
CA LEU B 49 -6.88 1.14 -22.54
C LEU B 49 -8.09 0.84 -23.40
N TYR B 50 -9.07 0.16 -22.83
CA TYR B 50 -10.33 -0.13 -23.48
C TYR B 50 -11.44 0.35 -22.59
N VAL B 51 -12.54 0.79 -23.19
CA VAL B 51 -13.80 0.94 -22.46
C VAL B 51 -14.77 -0.07 -23.07
N VAL B 52 -15.25 -1.00 -22.26
CA VAL B 52 -16.32 -1.91 -22.69
C VAL B 52 -17.61 -1.11 -23.03
N THR B 53 -18.17 -1.38 -24.20
CA THR B 53 -19.42 -0.75 -24.64
C THR B 53 -20.60 -1.72 -24.58
N GLU B 54 -20.31 -3.00 -24.78
CA GLU B 54 -21.28 -4.07 -24.47
C GLU B 54 -20.60 -5.42 -24.22
N GLY B 55 -21.24 -6.23 -23.38
CA GLY B 55 -20.73 -7.56 -23.09
C GLY B 55 -19.86 -7.54 -21.84
N LYS B 56 -19.30 -8.69 -21.50
CA LYS B 56 -18.49 -8.85 -20.28
C LYS B 56 -17.14 -9.51 -20.52
N VAL B 57 -16.11 -8.96 -19.87
CA VAL B 57 -14.75 -9.50 -19.92
C VAL B 57 -14.33 -9.94 -18.51
N LYS B 58 -13.88 -11.19 -18.42
CA LYS B 58 -13.29 -11.72 -17.21
C LYS B 58 -11.78 -11.47 -17.18
N LEU B 59 -11.31 -10.86 -16.09
CA LEU B 59 -9.88 -10.71 -15.85
C LEU B 59 -9.44 -11.65 -14.75
N HIS B 60 -8.44 -12.46 -15.08
CA HIS B 60 -7.92 -13.47 -14.17
C HIS B 60 -6.42 -13.54 -14.33
N ARG B 61 -5.71 -13.79 -13.22
CA ARG B 61 -4.27 -13.97 -13.29
C ARG B 61 -3.84 -15.32 -12.72
N THR B 62 -2.60 -15.71 -12.97
CA THR B 62 -2.21 -17.10 -12.77
C THR B 62 -1.26 -17.27 -11.60
N SER B 63 -1.54 -18.26 -10.76
CA SER B 63 -0.86 -18.45 -9.48
C SER B 63 0.18 -19.59 -9.57
N PRO B 64 1.07 -19.73 -8.56
CA PRO B 64 2.12 -20.74 -8.50
C PRO B 64 1.82 -22.06 -9.24
N ASP B 65 0.88 -22.86 -8.72
CA ASP B 65 0.64 -24.20 -9.27
C ASP B 65 0.16 -24.21 -10.74
N GLY B 66 -0.13 -23.01 -11.26
CA GLY B 66 -0.74 -22.85 -12.59
C GLY B 66 -2.24 -22.60 -12.43
N ARG B 67 -2.54 -21.87 -11.33
CA ARG B 67 -3.91 -21.62 -10.88
C ARG B 67 -4.53 -20.39 -11.51
N GLU B 68 -5.47 -20.62 -12.43
CA GLU B 68 -6.24 -19.54 -12.99
C GLU B 68 -7.09 -18.88 -11.91
N ASN B 69 -6.70 -17.66 -11.55
CA ASN B 69 -7.24 -16.96 -10.40
C ASN B 69 -8.07 -15.73 -10.81
N LEU B 71 -10.21 -12.35 -10.91
CA LEU B 71 -9.80 -11.03 -10.48
C LEU B 71 -10.87 -9.92 -10.63
N ALA B 72 -11.55 -9.90 -11.75
CA ALA B 72 -12.65 -8.97 -11.98
C ALA B 72 -13.51 -9.36 -13.18
N VAL B 73 -14.76 -8.90 -13.16
CA VAL B 73 -15.62 -8.98 -14.34
C VAL B 73 -15.97 -7.56 -14.73
N VAL B 74 -15.61 -7.21 -15.95
CA VAL B 74 -15.67 -5.82 -16.44
C VAL B 74 -16.81 -5.73 -17.45
N GLY B 75 -17.78 -4.85 -17.18
CA GLY B 75 -18.97 -4.68 -18.01
C GLY B 75 -19.04 -3.33 -18.69
N PRO B 76 -20.14 -3.04 -19.40
CA PRO B 76 -20.27 -1.76 -20.12
C PRO B 76 -19.96 -0.51 -19.27
N SER B 77 -19.27 0.44 -19.91
CA SER B 77 -18.81 1.71 -19.34
C SER B 77 -17.64 1.58 -18.36
N GLU B 78 -17.04 0.40 -18.29
CA GLU B 78 -15.91 0.16 -17.41
C GLU B 78 -14.63 0.04 -18.19
N LEU B 79 -13.52 0.41 -17.55
CA LEU B 79 -12.19 0.47 -18.21
C LEU B 79 -11.38 -0.77 -17.95
N ILE B 80 -10.60 -1.11 -18.95
CA ILE B 80 -9.62 -2.18 -18.88
C ILE B 80 -8.28 -1.55 -19.25
N GLY B 81 -7.23 -1.83 -18.46
CA GLY B 81 -5.87 -1.46 -18.82
C GLY B 81 -5.61 0.03 -18.78
N GLU B 82 -6.24 0.71 -17.84
CA GLU B 82 -6.19 2.16 -17.79
C GLU B 82 -4.76 2.70 -17.88
N LEU B 83 -3.86 2.15 -17.09
CA LEU B 83 -2.56 2.79 -16.95
C LEU B 83 -1.64 2.39 -18.09
N SER B 84 -2.05 1.35 -18.82
CA SER B 84 -1.39 0.90 -20.05
C SER B 84 -1.34 2.02 -21.10
N LEU B 85 -2.34 2.92 -21.08
CA LEU B 85 -2.37 4.09 -21.95
C LEU B 85 -1.19 5.02 -21.71
N PHE B 86 -0.88 5.26 -20.44
CA PHE B 86 0.12 6.23 -20.05
C PHE B 86 1.50 5.66 -19.87
N ASP B 87 1.56 4.43 -19.38
CA ASP B 87 2.83 3.78 -19.14
C ASP B 87 2.76 2.36 -19.69
N PRO B 88 2.92 2.21 -21.00
CA PRO B 88 2.88 0.87 -21.59
C PRO B 88 3.78 -0.14 -20.87
N GLY B 89 3.28 -1.36 -20.69
CA GLY B 89 4.02 -2.41 -19.97
C GLY B 89 3.24 -3.71 -20.01
N PRO B 90 3.74 -4.76 -19.32
CA PRO B 90 3.06 -6.06 -19.35
C PRO B 90 1.68 -6.07 -18.68
N ARG B 91 0.71 -6.63 -19.40
CA ARG B 91 -0.63 -6.84 -18.88
C ARG B 91 -0.60 -7.61 -17.55
N THR B 92 -1.23 -7.05 -16.50
CA THR B 92 -1.23 -7.70 -15.19
C THR B 92 -2.22 -8.85 -15.08
N ALA B 93 -2.90 -9.17 -16.18
CA ALA B 93 -3.99 -10.15 -16.13
C ALA B 93 -4.36 -10.60 -17.53
N THR B 94 -5.06 -11.72 -17.62
CA THR B 94 -5.62 -12.17 -18.90
C THR B 94 -7.08 -11.72 -18.97
N GLY B 95 -7.47 -11.16 -20.12
CA GLY B 95 -8.87 -10.81 -20.38
C GLY B 95 -9.56 -11.76 -21.33
N THR B 96 -10.62 -12.40 -20.85
CA THR B 96 -11.37 -13.35 -21.66
C THR B 96 -12.82 -12.88 -21.78
N ALA B 97 -13.32 -12.85 -23.00
CA ALA B 97 -14.70 -12.49 -23.25
C ALA B 97 -15.61 -13.56 -22.69
N LEU B 98 -16.53 -13.16 -21.81
CA LEU B 98 -17.53 -14.07 -21.27
C LEU B 98 -18.76 -14.15 -22.15
N THR B 99 -18.91 -13.14 -23.00
CA THR B 99 -20.00 -13.03 -23.95
C THR B 99 -19.39 -12.46 -25.22
N GLU B 100 -20.23 -12.20 -26.23
CA GLU B 100 -19.80 -11.31 -27.30
C GLU B 100 -19.61 -9.93 -26.65
N VAL B 101 -18.48 -9.31 -26.96
CA VAL B 101 -18.07 -8.06 -26.32
C VAL B 101 -17.69 -7.04 -27.39
N LYS B 102 -18.04 -5.78 -27.14
CA LYS B 102 -17.53 -4.68 -27.96
C LYS B 102 -16.82 -3.66 -27.08
N LEU B 103 -15.68 -3.17 -27.59
CA LEU B 103 -14.85 -2.20 -26.88
C LEU B 103 -14.41 -1.08 -27.80
N LEU B 104 -14.07 0.05 -27.18
CA LEU B 104 -13.36 1.17 -27.81
C LEU B 104 -11.96 1.22 -27.20
N ALA B 105 -10.95 1.34 -28.05
CA ALA B 105 -9.54 1.25 -27.63
C ALA B 105 -8.85 2.58 -27.85
N LEU B 106 -8.06 3.02 -26.87
CA LEU B 106 -7.22 4.20 -27.05
C LEU B 106 -5.76 3.82 -26.73
N GLY B 107 -4.89 3.92 -27.74
CA GLY B 107 -3.49 3.52 -27.59
C GLY B 107 -2.55 4.64 -27.18
N HIS B 108 -1.41 4.28 -26.61
CA HIS B 108 -0.45 5.29 -26.16
C HIS B 108 -0.05 6.26 -27.29
N GLY B 109 0.09 5.71 -28.49
CA GLY B 109 0.42 6.47 -29.69
C GLY B 109 -0.63 7.48 -30.14
N ASP B 110 -1.87 7.30 -29.69
CA ASP B 110 -2.99 8.21 -30.02
C ASP B 110 -3.04 9.40 -29.09
N LEU B 111 -2.28 9.30 -27.99
CA LEU B 111 -2.28 10.28 -26.94
C LEU B 111 -1.69 11.62 -27.38
N GLN B 112 -0.46 11.63 -27.89
CA GLN B 112 0.14 12.91 -28.31
C GLN B 112 -0.66 13.66 -29.40
N PRO B 113 -1.15 12.98 -30.46
CA PRO B 113 -2.04 13.69 -31.40
C PRO B 113 -3.32 14.27 -30.77
N TRP B 114 -3.87 13.58 -29.77
CA TRP B 114 -5.09 14.03 -29.10
C TRP B 114 -4.79 15.32 -28.32
N LEU B 115 -3.70 15.30 -27.57
CA LEU B 115 -3.25 16.47 -26.82
C LEU B 115 -2.83 17.65 -27.70
N ASN B 116 -2.35 17.38 -28.90
CA ASN B 116 -2.13 18.46 -29.89
C ASN B 116 -3.39 19.15 -30.37
N VAL B 117 -4.50 18.42 -30.46
CA VAL B 117 -5.73 19.03 -30.91
C VAL B 117 -6.47 19.64 -29.72
N ARG B 118 -6.39 18.94 -28.58
CA ARG B 118 -7.04 19.36 -27.33
C ARG B 118 -6.03 19.54 -26.20
N PRO B 119 -5.29 20.64 -26.23
CA PRO B 119 -4.17 20.77 -25.30
C PRO B 119 -4.56 20.79 -23.81
N GLU B 120 -5.71 21.36 -23.46
CA GLU B 120 -6.16 21.47 -22.05
C GLU B 120 -6.58 20.14 -21.38
N VAL B 121 -6.75 19.11 -22.19
CA VAL B 121 -7.12 17.79 -21.69
C VAL B 121 -5.96 17.23 -20.83
N ALA B 122 -4.74 17.69 -21.08
CA ALA B 122 -3.57 17.14 -20.39
C ALA B 122 -3.72 17.30 -18.87
N THR B 123 -4.18 18.46 -18.42
CA THR B 123 -4.26 18.71 -16.98
C THR B 123 -5.40 17.92 -16.33
N ALA B 124 -6.49 17.70 -17.07
CA ALA B 124 -7.57 16.86 -16.58
C ALA B 124 -7.17 15.37 -16.43
N LEU B 125 -6.39 14.85 -17.36
CA LEU B 125 -5.90 13.49 -17.20
C LEU B 125 -4.89 13.40 -16.09
N LEU B 126 -3.97 14.37 -16.01
CA LEU B 126 -3.00 14.43 -14.91
C LEU B 126 -3.69 14.45 -13.56
N ARG B 127 -4.78 15.22 -13.43
CA ARG B 127 -5.49 15.28 -12.13
C ARG B 127 -6.00 13.88 -11.79
N ALA B 128 -6.57 13.22 -12.80
CA ALA B 128 -7.23 11.94 -12.58
C ALA B 128 -6.19 10.88 -12.18
N VAL B 129 -5.03 10.87 -12.83
CA VAL B 129 -4.02 9.85 -12.49
C VAL B 129 -3.38 10.20 -11.14
N ALA B 130 -3.10 11.49 -10.93
CA ALA B 130 -2.57 11.95 -9.66
C ALA B 130 -3.49 11.70 -8.46
N ARG B 131 -4.80 11.78 -8.67
CA ARG B 131 -5.74 11.43 -7.58
C ARG B 131 -5.63 9.93 -7.27
N ARG B 132 -5.61 9.06 -8.27
CA ARG B 132 -5.37 7.63 -8.01
C ARG B 132 -4.15 7.45 -7.09
N LEU B 133 -3.06 8.14 -7.44
CA LEU B 133 -1.80 8.08 -6.70
C LEU B 133 -1.88 8.72 -5.31
N ARG B 134 -2.58 9.83 -5.20
CA ARG B 134 -2.71 10.57 -3.95
C ARG B 134 -3.50 9.87 -2.84
N LYS B 135 -4.65 9.30 -3.21
CA LYS B 135 -5.54 8.64 -2.23
C LYS B 135 -4.91 7.35 -1.69
N THR B 136 -4.18 6.66 -2.57
CA THR B 136 -3.23 5.61 -2.21
C THR B 136 -2.29 6.10 -1.11
N ASN B 137 -1.51 7.13 -1.43
CA ASN B 137 -0.60 7.79 -0.48
C ASN B 137 -1.31 8.28 0.78
N ASP B 138 -2.54 8.78 0.61
CA ASP B 138 -3.39 9.22 1.71
C ASP B 138 -3.84 8.04 2.57
N ALA B 139 -4.21 6.94 1.92
CA ALA B 139 -4.52 5.70 2.61
C ALA B 139 -3.26 5.18 3.31
N SER B 141 1.09 5.63 4.08
CA SER B 141 1.84 6.39 5.07
C SER B 141 1.29 5.96 6.45
N ASP B 142 0.80 4.73 6.53
CA ASP B 142 0.86 3.95 7.76
C ASP B 142 2.29 3.58 8.12
N SER B 146 8.70 2.52 9.54
CA SER B 146 10.01 3.20 9.57
C SER B 146 10.72 3.11 10.92
N ASP B 147 11.09 1.90 11.35
CA ASP B 147 11.80 1.74 12.62
C ASP B 147 13.05 0.84 12.55
N GLY B 148 13.64 0.70 11.36
CA GLY B 148 14.80 -0.16 11.18
C GLY B 148 14.35 -1.61 11.03
N SER B 149 13.02 -1.78 11.10
CA SER B 149 12.25 -2.96 10.68
C SER B 149 11.65 -3.80 11.82
N ASP C 4 25.04 17.55 -12.07
CA ASP C 4 24.10 17.80 -13.20
C ASP C 4 22.74 18.34 -12.73
N ASP C 5 21.81 18.48 -13.69
CA ASP C 5 20.58 19.30 -13.55
C ASP C 5 19.73 19.06 -12.27
N VAL C 6 19.70 20.07 -11.40
CA VAL C 6 18.95 20.04 -10.13
C VAL C 6 17.47 19.69 -10.32
N LEU C 7 16.89 20.07 -11.47
CA LEU C 7 15.47 19.80 -11.75
C LEU C 7 15.21 18.39 -12.24
N ARG C 8 16.23 17.69 -12.73
CA ARG C 8 15.99 16.40 -13.38
C ARG C 8 16.43 15.19 -12.55
N ARG C 9 16.76 15.44 -11.28
CA ARG C 9 17.20 14.40 -10.38
C ARG C 9 16.07 13.81 -9.54
N ASN C 10 14.89 13.72 -10.16
CA ASN C 10 13.67 13.20 -9.55
C ASN C 10 12.89 12.38 -10.59
N PRO C 11 12.05 11.42 -10.17
CA PRO C 11 11.41 10.62 -11.23
C PRO C 11 10.40 11.40 -12.12
N LEU C 12 9.89 12.53 -11.65
CA LEU C 12 8.88 13.27 -12.43
C LEU C 12 9.45 13.96 -13.68
N PHE C 13 10.55 14.70 -13.53
CA PHE C 13 11.10 15.45 -14.66
C PHE C 13 12.32 14.81 -15.32
N ALA C 14 12.73 13.65 -14.82
CA ALA C 14 13.92 12.93 -15.33
C ALA C 14 13.99 12.84 -16.85
N ALA C 15 12.84 12.60 -17.50
CA ALA C 15 12.83 12.30 -18.94
C ALA C 15 12.81 13.54 -19.85
N LEU C 16 12.74 14.74 -19.26
CA LEU C 16 12.81 15.98 -20.02
C LEU C 16 14.20 16.13 -20.63
N ASP C 17 14.27 16.64 -21.86
CA ASP C 17 15.56 16.92 -22.48
C ASP C 17 16.13 18.23 -21.96
N ASP C 18 17.30 18.59 -22.46
CA ASP C 18 17.96 19.81 -22.03
C ASP C 18 17.10 21.08 -22.18
N GLU C 19 16.45 21.24 -23.33
CA GLU C 19 15.69 22.45 -23.64
C GLU C 19 14.36 22.47 -22.91
N GLN C 20 13.73 21.31 -22.77
CA GLN C 20 12.50 21.23 -21.97
C GLN C 20 12.75 21.57 -20.50
N SER C 21 13.89 21.15 -19.96
CA SER C 21 14.24 21.47 -18.57
C SER C 21 14.47 22.96 -18.42
N ALA C 22 15.17 23.55 -19.39
CA ALA C 22 15.48 24.98 -19.40
C ALA C 22 14.19 25.82 -19.44
N GLU C 23 13.25 25.40 -20.28
CA GLU C 23 11.95 26.10 -20.41
C GLU C 23 11.04 25.88 -19.22
N LEU C 24 11.10 24.70 -18.60
CA LEU C 24 10.40 24.49 -17.34
C LEU C 24 10.96 25.43 -16.30
N ARG C 25 12.29 25.55 -16.26
CA ARG C 25 12.93 26.37 -15.26
C ARG C 25 12.53 27.82 -15.42
N ALA C 26 12.54 28.32 -16.66
CA ALA C 26 12.06 29.68 -16.96
C ALA C 26 10.60 29.91 -16.59
N SER C 27 9.82 28.84 -16.45
CA SER C 27 8.39 28.90 -16.08
C SER C 27 8.14 28.87 -14.57
N SER C 29 9.07 29.77 -10.31
CA SER C 29 9.32 30.91 -9.43
C SER C 29 10.34 30.47 -8.41
N GLU C 30 11.38 31.28 -8.20
CA GLU C 30 12.35 31.06 -7.15
C GLU C 30 11.79 31.54 -5.81
N VAL C 31 12.04 30.77 -4.75
CA VAL C 31 11.56 31.11 -3.39
C VAL C 31 12.73 31.02 -2.43
N THR C 32 13.00 32.10 -1.67
CA THR C 32 14.02 32.04 -0.61
C THR C 32 13.42 32.12 0.80
N LEU C 33 13.86 31.21 1.67
CA LEU C 33 13.41 31.14 3.03
C LEU C 33 14.60 31.37 3.97
N ALA C 34 14.39 32.12 5.05
CA ALA C 34 15.39 32.20 6.13
C ALA C 34 15.24 30.96 7.01
N ARG C 35 16.26 30.63 7.80
CA ARG C 35 16.14 29.53 8.75
C ARG C 35 14.96 29.79 9.68
N GLY C 36 14.09 28.79 9.84
CA GLY C 36 12.93 28.91 10.73
C GLY C 36 11.65 29.31 10.03
N ASP C 37 11.78 29.87 8.82
CA ASP C 37 10.64 30.23 7.99
C ASP C 37 9.84 28.98 7.67
N THR C 38 8.53 29.12 7.64
CA THR C 38 7.69 28.01 7.20
C THR C 38 7.28 28.19 5.73
N LEU C 39 7.52 27.14 4.96
CA LEU C 39 7.17 27.12 3.55
C LEU C 39 5.67 27.03 3.38
N PHE C 40 5.03 26.15 4.17
CA PHE C 40 3.58 26.06 4.27
C PHE C 40 3.19 25.34 5.56
N HIS C 41 1.97 25.59 6.04
CA HIS C 41 1.43 24.96 7.25
C HIS C 41 0.56 23.78 6.83
N GLU C 42 0.56 22.72 7.65
CA GLU C 42 -0.42 21.67 7.44
C GLU C 42 -1.81 22.29 7.46
N GLY C 43 -2.61 21.93 6.46
CA GLY C 43 -3.95 22.44 6.25
C GLY C 43 -4.08 23.60 5.28
N ASP C 44 -2.96 24.22 4.91
CA ASP C 44 -2.95 25.27 3.87
C ASP C 44 -3.40 24.67 2.53
N PRO C 45 -3.99 25.52 1.64
CA PRO C 45 -4.28 25.03 0.29
C PRO C 45 -2.97 24.63 -0.36
N GLY C 46 -2.95 23.49 -1.03
CA GLY C 46 -1.70 23.06 -1.65
C GLY C 46 -1.93 22.92 -3.13
N ASP C 47 -1.20 23.68 -3.93
CA ASP C 47 -1.38 23.66 -5.39
C ASP C 47 -0.08 23.95 -6.09
N ARG C 48 1.03 23.62 -5.42
CA ARG C 48 2.36 23.99 -5.88
C ARG C 48 3.38 22.89 -5.56
N LEU C 49 4.18 22.54 -6.56
CA LEU C 49 5.31 21.68 -6.36
C LEU C 49 6.57 22.55 -6.16
N TYR C 50 7.49 22.09 -5.32
CA TYR C 50 8.79 22.74 -5.19
C TYR C 50 9.90 21.74 -5.42
N VAL C 51 11.01 22.24 -5.96
CA VAL C 51 12.28 21.56 -5.95
C VAL C 51 13.23 22.37 -5.06
N VAL C 52 13.75 21.73 -4.03
CA VAL C 52 14.77 22.38 -3.22
C VAL C 52 16.04 22.56 -4.06
N THR C 53 16.63 23.77 -4.03
CA THR C 53 17.92 23.98 -4.75
C THR C 53 19.07 24.24 -3.80
N GLU C 54 18.75 24.72 -2.61
CA GLU C 54 19.77 24.81 -1.55
C GLU C 54 19.14 24.82 -0.17
N GLY C 55 19.86 24.22 0.77
CA GLY C 55 19.43 24.13 2.17
C GLY C 55 18.58 22.90 2.41
N LYS C 56 17.97 22.84 3.60
CA LYS C 56 17.12 21.72 3.96
C LYS C 56 15.81 22.18 4.57
N VAL C 57 14.75 21.48 4.17
CA VAL C 57 13.40 21.72 4.64
C VAL C 57 12.92 20.48 5.43
N LYS C 58 12.50 20.68 6.69
CA LYS C 58 11.90 19.59 7.45
C LYS C 58 10.37 19.55 7.25
N LEU C 59 9.86 18.39 6.86
CA LEU C 59 8.44 18.17 6.78
C LEU C 59 7.98 17.46 8.05
N HIS C 60 7.00 18.05 8.71
CA HIS C 60 6.48 17.49 9.95
C HIS C 60 4.97 17.56 10.05
N ARG C 61 4.43 16.61 10.80
CA ARG C 61 3.01 16.49 11.02
C ARG C 61 2.77 16.46 12.52
N THR C 62 1.72 17.14 12.96
CA THR C 62 1.27 17.08 14.35
C THR C 62 0.79 15.67 14.72
N SER C 63 1.48 15.06 15.67
CA SER C 63 1.10 13.74 16.24
C SER C 63 -0.11 13.86 17.17
N PRO C 64 -0.91 12.78 17.33
CA PRO C 64 -2.10 12.76 18.20
C PRO C 64 -1.80 13.24 19.62
N ASP C 65 -0.55 13.12 20.04
CA ASP C 65 -0.14 13.55 21.37
C ASP C 65 0.35 15.01 21.39
N GLY C 66 0.47 15.63 20.21
CA GLY C 66 0.71 17.07 20.11
C GLY C 66 2.16 17.49 19.88
N ARG C 67 3.06 16.47 19.89
CA ARG C 67 4.43 16.67 19.43
C ARG C 67 4.45 16.68 17.91
N GLU C 68 5.42 17.37 17.31
CA GLU C 68 5.61 17.25 15.86
C GLU C 68 6.33 15.95 15.57
N ASN C 69 5.85 15.28 14.52
CA ASN C 69 6.44 14.04 14.05
C ASN C 69 7.05 14.25 12.68
N LEU C 71 8.34 13.57 9.13
CA LEU C 71 8.00 12.66 8.03
C LEU C 71 9.17 12.52 7.06
N ALA C 72 9.86 13.63 6.82
CA ALA C 72 10.99 13.69 5.91
C ALA C 72 11.77 14.98 6.08
N VAL C 73 13.05 14.91 5.73
CA VAL C 73 13.87 16.09 5.57
C VAL C 73 14.25 16.14 4.10
N VAL C 74 13.94 17.27 3.45
CA VAL C 74 14.08 17.40 2.01
C VAL C 74 15.27 18.31 1.68
N GLY C 75 16.21 17.76 0.92
CA GLY C 75 17.39 18.51 0.52
C GLY C 75 17.40 18.85 -0.97
N PRO C 76 18.50 19.48 -1.42
CA PRO C 76 18.68 19.94 -2.78
C PRO C 76 18.44 18.81 -3.79
N SER C 77 17.74 19.11 -4.87
CA SER C 77 17.25 18.15 -5.87
C SER C 77 15.97 17.37 -5.51
N GLU C 78 15.47 17.51 -4.29
CA GLU C 78 14.28 16.75 -3.93
C GLU C 78 12.97 17.54 -4.03
N LEU C 79 11.84 16.81 -4.15
CA LEU C 79 10.53 17.40 -4.40
C LEU C 79 9.73 17.61 -3.13
N ILE C 80 8.92 18.67 -3.12
CA ILE C 80 7.90 18.89 -2.09
C ILE C 80 6.62 19.20 -2.83
N GLY C 81 5.54 18.57 -2.40
CA GLY C 81 4.19 18.88 -2.89
C GLY C 81 3.95 18.37 -4.28
N GLU C 82 4.69 17.35 -4.69
CA GLU C 82 4.65 16.95 -6.10
C GLU C 82 3.24 16.77 -6.64
N LEU C 83 2.43 16.00 -5.94
CA LEU C 83 1.12 15.65 -6.45
C LEU C 83 0.09 16.80 -6.39
N SER C 84 0.37 17.78 -5.53
CA SER C 84 -0.45 18.99 -5.48
C SER C 84 -0.37 19.84 -6.74
N LEU C 85 0.72 19.75 -7.51
CA LEU C 85 0.80 20.38 -8.82
C LEU C 85 -0.35 19.89 -9.68
N PHE C 86 -0.60 18.58 -9.66
CA PHE C 86 -1.65 17.95 -10.50
C PHE C 86 -3.06 17.90 -9.89
N ASP C 87 -3.13 17.74 -8.57
CA ASP C 87 -4.43 17.51 -7.91
C ASP C 87 -4.40 18.32 -6.62
N PRO C 88 -4.64 19.64 -6.73
CA PRO C 88 -4.55 20.47 -5.52
C PRO C 88 -5.43 19.96 -4.36
N GLY C 89 -4.91 20.09 -3.14
CA GLY C 89 -5.76 19.78 -1.96
C GLY C 89 -5.01 20.23 -0.74
N PRO C 90 -5.64 20.10 0.45
CA PRO C 90 -4.93 20.54 1.66
C PRO C 90 -3.54 19.89 1.86
N ARG C 91 -2.57 20.70 2.30
CA ARG C 91 -1.28 20.24 2.80
C ARG C 91 -1.49 19.36 4.00
N THR C 92 -0.81 18.21 4.04
CA THR C 92 -0.95 17.28 5.17
C THR C 92 0.28 17.31 6.07
N ALA C 93 1.18 18.24 5.82
CA ALA C 93 2.40 18.40 6.63
C ALA C 93 2.77 19.88 6.68
N THR C 94 3.57 20.26 7.67
CA THR C 94 4.16 21.60 7.73
C THR C 94 5.60 21.45 7.23
N GLY C 95 6.04 22.39 6.38
CA GLY C 95 7.43 22.40 5.96
C GLY C 95 8.15 23.58 6.57
N THR C 96 9.26 23.32 7.28
CA THR C 96 10.03 24.37 7.94
C THR C 96 11.49 24.38 7.44
N ALA C 97 12.03 25.58 7.20
CA ALA C 97 13.44 25.73 6.80
C ALA C 97 14.37 25.46 7.97
N LEU C 98 15.17 24.41 7.86
CA LEU C 98 16.16 24.09 8.91
C LEU C 98 17.41 24.95 8.76
N THR C 99 17.50 25.61 7.61
CA THR C 99 18.69 26.31 7.18
C THR C 99 18.11 27.43 6.32
N GLU C 100 18.94 28.35 5.81
CA GLU C 100 18.47 29.17 4.71
C GLU C 100 18.17 28.25 3.52
N VAL C 101 17.04 28.47 2.86
CA VAL C 101 16.62 27.57 1.76
C VAL C 101 16.27 28.36 0.51
N LYS C 102 16.72 27.87 -0.64
CA LYS C 102 16.20 28.33 -1.93
C LYS C 102 15.49 27.17 -2.65
N LEU C 103 14.38 27.49 -3.31
CA LEU C 103 13.60 26.49 -4.04
C LEU C 103 13.13 27.08 -5.36
N LEU C 104 12.79 26.18 -6.28
CA LEU C 104 12.05 26.54 -7.47
C LEU C 104 10.64 25.97 -7.35
N ALA C 105 9.63 26.79 -7.64
CA ALA C 105 8.24 26.41 -7.48
C ALA C 105 7.50 26.45 -8.82
N LEU C 106 6.62 25.47 -9.01
CA LEU C 106 5.67 25.53 -10.09
C LEU C 106 4.25 25.33 -9.56
N GLY C 107 3.37 26.27 -9.82
CA GLY C 107 2.00 26.15 -9.31
C GLY C 107 1.06 25.49 -10.30
N HIS C 108 -0.06 24.97 -9.79
CA HIS C 108 -1.04 24.33 -10.67
C HIS C 108 -1.51 25.33 -11.75
N GLY C 109 -1.67 26.60 -11.38
CA GLY C 109 -2.02 27.67 -12.32
C GLY C 109 -1.05 27.88 -13.49
N ASP C 110 0.21 27.51 -13.27
CA ASP C 110 1.26 27.57 -14.29
C ASP C 110 1.24 26.35 -15.22
N LEU C 111 0.52 25.31 -14.83
CA LEU C 111 0.67 24.01 -15.52
C LEU C 111 0.14 24.04 -16.94
N GLN C 112 -1.08 24.53 -17.08
CA GLN C 112 -1.74 24.53 -18.38
C GLN C 112 -1.05 25.43 -19.42
N PRO C 113 -0.71 26.68 -19.03
CA PRO C 113 0.12 27.50 -19.92
C PRO C 113 1.39 26.80 -20.42
N TRP C 114 2.10 26.10 -19.54
CA TRP C 114 3.30 25.36 -19.91
C TRP C 114 3.00 24.18 -20.85
N LEU C 115 2.01 23.36 -20.49
CA LEU C 115 1.65 22.15 -21.27
C LEU C 115 0.88 22.38 -22.58
N ASN C 116 0.17 23.50 -22.70
CA ASN C 116 -0.62 23.79 -23.91
C ASN C 116 0.12 23.69 -25.22
N VAL C 117 1.43 23.90 -25.16
CA VAL C 117 2.26 23.92 -26.34
C VAL C 117 3.31 22.83 -26.25
N ARG C 118 3.18 21.95 -25.25
CA ARG C 118 4.21 20.94 -25.00
C ARG C 118 3.61 19.55 -24.78
N PRO C 119 2.96 19.00 -25.83
CA PRO C 119 2.26 17.74 -25.58
C PRO C 119 3.22 16.59 -25.30
N GLU C 120 4.46 16.61 -25.81
CA GLU C 120 5.42 15.58 -25.41
C GLU C 120 5.74 15.64 -23.93
N VAL C 121 5.83 16.85 -23.39
CA VAL C 121 6.05 17.01 -21.96
C VAL C 121 4.83 16.43 -21.21
N ALA C 122 3.61 16.77 -21.62
CA ALA C 122 2.44 16.27 -20.91
C ALA C 122 2.43 14.74 -20.87
N THR C 123 2.76 14.11 -22.00
CA THR C 123 2.82 12.65 -22.09
C THR C 123 3.92 12.05 -21.19
N ALA C 124 5.08 12.71 -21.15
CA ALA C 124 6.16 12.36 -20.23
C ALA C 124 5.72 12.42 -18.75
N LEU C 125 5.02 13.47 -18.37
CA LEU C 125 4.52 13.61 -16.98
C LEU C 125 3.49 12.53 -16.65
N LEU C 126 2.58 12.26 -17.59
CA LEU C 126 1.59 11.21 -17.40
C LEU C 126 2.24 9.82 -17.25
N ARG C 127 3.27 9.56 -18.07
CA ARG C 127 4.04 8.31 -17.97
C ARG C 127 4.64 8.19 -16.58
N ALA C 128 5.25 9.28 -16.11
CA ALA C 128 5.95 9.28 -14.83
C ALA C 128 5.02 9.01 -13.65
N VAL C 129 3.88 9.71 -13.62
CA VAL C 129 2.87 9.45 -12.58
C VAL C 129 2.32 8.02 -12.67
N ALA C 130 1.91 7.61 -13.87
CA ALA C 130 1.38 6.26 -14.07
C ALA C 130 2.37 5.14 -13.69
N ARG C 131 3.64 5.35 -13.99
CA ARG C 131 4.70 4.36 -13.68
C ARG C 131 4.79 4.15 -12.17
N ARG C 132 4.65 5.23 -11.40
CA ARG C 132 4.60 5.19 -9.93
C ARG C 132 3.48 4.24 -9.48
N LEU C 133 2.31 4.36 -10.08
CA LEU C 133 1.24 3.41 -9.90
C LEU C 133 1.54 2.00 -10.38
N ARG C 134 2.20 1.87 -11.49
CA ARG C 134 2.56 0.55 -11.98
C ARG C 134 3.56 -0.17 -11.07
N LYS C 135 4.58 0.54 -10.57
CA LYS C 135 5.57 -0.16 -9.76
C LYS C 135 5.03 -0.47 -8.36
N THR C 136 4.17 0.41 -7.87
CA THR C 136 3.35 0.16 -6.68
C THR C 136 2.74 -1.23 -6.74
N ASN C 137 1.89 -1.45 -7.73
CA ASN C 137 1.10 -2.67 -7.76
C ASN C 137 1.90 -3.89 -8.20
N ASP C 138 3.01 -3.66 -8.89
CA ASP C 138 3.97 -4.73 -9.22
C ASP C 138 4.62 -5.31 -7.95
N ALA C 139 4.58 -4.53 -6.87
CA ALA C 139 5.01 -4.97 -5.55
C ALA C 139 3.84 -5.48 -4.69
N SER C 146 -8.13 -10.70 -0.89
CA SER C 146 -9.05 -10.34 0.19
C SER C 146 -10.01 -11.47 0.59
N ASP C 147 -10.68 -11.28 1.73
CA ASP C 147 -11.16 -12.40 2.55
C ASP C 147 -12.57 -12.30 3.11
N GLY C 148 -13.21 -11.13 3.00
CA GLY C 148 -14.54 -10.93 3.58
C GLY C 148 -14.52 -10.39 5.00
N ASP D 5 4.37 0.89 31.61
CA ASP D 5 3.77 2.26 31.47
C ASP D 5 4.37 3.06 30.31
N VAL D 6 5.68 3.35 30.38
CA VAL D 6 6.44 3.74 29.19
C VAL D 6 6.32 2.63 28.16
N LEU D 7 6.15 1.39 28.63
CA LEU D 7 6.08 0.20 27.78
C LEU D 7 4.73 0.01 27.13
N ARG D 8 3.66 0.51 27.75
CA ARG D 8 2.31 0.29 27.22
C ARG D 8 1.83 1.47 26.37
N ARG D 9 2.74 2.41 26.12
CA ARG D 9 2.46 3.63 25.36
C ARG D 9 2.69 3.42 23.86
N ASN D 10 2.32 2.24 23.38
CA ASN D 10 2.46 1.84 21.99
C ASN D 10 1.43 0.75 21.71
N PRO D 11 1.01 0.60 20.45
CA PRO D 11 -0.10 -0.32 20.18
C PRO D 11 0.19 -1.80 20.45
N LEU D 12 1.46 -2.22 20.37
CA LEU D 12 1.80 -3.64 20.52
C LEU D 12 1.49 -4.14 21.92
N PHE D 13 1.86 -3.33 22.93
CA PHE D 13 1.77 -3.69 24.33
C PHE D 13 0.67 -2.92 25.07
N ALA D 14 -0.08 -2.08 24.35
CA ALA D 14 -1.06 -1.20 24.96
C ALA D 14 -2.20 -1.94 25.65
N ALA D 15 -2.40 -3.19 25.26
CA ALA D 15 -3.45 -4.05 25.84
C ALA D 15 -3.06 -4.87 27.09
N LEU D 16 -1.79 -4.79 27.50
CA LEU D 16 -1.32 -5.53 28.69
C LEU D 16 -1.84 -4.95 30.00
N ASP D 17 -2.11 -5.82 30.98
CA ASP D 17 -2.42 -5.38 32.34
C ASP D 17 -1.17 -5.16 33.19
N ASP D 18 -1.35 -4.65 34.42
CA ASP D 18 -0.23 -4.35 35.31
C ASP D 18 0.70 -5.54 35.52
N GLU D 19 0.13 -6.69 35.88
CA GLU D 19 0.93 -7.90 36.09
C GLU D 19 1.74 -8.26 34.85
N GLN D 20 1.08 -8.28 33.69
CA GLN D 20 1.71 -8.66 32.42
C GLN D 20 2.80 -7.69 31.99
N SER D 21 2.57 -6.40 32.17
CA SER D 21 3.59 -5.41 31.80
C SER D 21 4.76 -5.43 32.79
N ALA D 22 4.48 -5.69 34.06
CA ALA D 22 5.55 -5.89 35.06
C ALA D 22 6.46 -7.06 34.65
N GLU D 23 5.86 -8.15 34.20
CA GLU D 23 6.62 -9.32 33.70
C GLU D 23 7.38 -9.02 32.42
N LEU D 24 6.74 -8.32 31.49
CA LEU D 24 7.44 -7.89 30.27
C LEU D 24 8.71 -7.12 30.64
N ARG D 25 8.57 -6.09 31.47
CA ARG D 25 9.72 -5.26 31.89
C ARG D 25 10.87 -6.11 32.43
N ALA D 26 10.53 -7.16 33.16
CA ALA D 26 11.53 -8.05 33.77
C ALA D 26 12.18 -9.00 32.75
N SER D 27 11.58 -9.12 31.57
CA SER D 27 12.10 -9.95 30.47
C SER D 27 13.07 -9.15 29.61
N SER D 29 16.03 -6.03 28.70
CA SER D 29 17.33 -5.58 29.18
C SER D 29 17.52 -4.07 28.97
N GLU D 30 18.30 -3.42 29.84
CA GLU D 30 18.55 -1.99 29.71
C GLU D 30 19.75 -1.72 28.80
N VAL D 31 19.57 -0.80 27.88
CA VAL D 31 20.59 -0.44 26.90
C VAL D 31 20.84 1.07 26.96
N THR D 32 22.11 1.43 26.97
CA THR D 32 22.52 2.81 27.07
C THR D 32 23.26 3.22 25.79
N LEU D 33 22.95 4.39 25.25
CA LEU D 33 23.81 5.01 24.21
C LEU D 33 24.29 6.42 24.60
N ALA D 34 25.55 6.72 24.29
CA ALA D 34 26.05 8.10 24.31
C ALA D 34 25.72 8.76 22.98
N ARG D 35 25.60 10.08 22.97
CA ARG D 35 25.35 10.80 21.74
CA ARG D 35 25.40 10.86 21.76
C ARG D 35 26.35 10.38 20.67
N GLY D 36 25.83 10.15 19.46
CA GLY D 36 26.66 9.75 18.32
C GLY D 36 26.98 8.28 18.19
N ASP D 37 26.70 7.50 19.24
CA ASP D 37 26.83 6.04 19.18
C ASP D 37 25.87 5.43 18.16
N THR D 38 26.28 4.34 17.50
CA THR D 38 25.35 3.60 16.62
C THR D 38 24.69 2.40 17.32
N LEU D 39 23.36 2.35 17.20
CA LEU D 39 22.59 1.23 17.75
C LEU D 39 22.76 0.02 16.83
N PHE D 40 22.63 0.25 15.53
CA PHE D 40 22.90 -0.81 14.55
C PHE D 40 23.14 -0.19 13.19
N HIS D 41 23.71 -0.98 12.27
CA HIS D 41 23.93 -0.55 10.88
C HIS D 41 22.94 -1.27 9.99
N GLU D 42 22.55 -0.60 8.88
CA GLU D 42 21.74 -1.23 7.85
C GLU D 42 22.40 -2.52 7.39
N GLY D 43 21.62 -3.59 7.35
CA GLY D 43 22.14 -4.88 6.95
C GLY D 43 22.60 -5.76 8.09
N ASP D 44 22.76 -5.20 9.29
CA ASP D 44 23.14 -6.04 10.44
C ASP D 44 22.01 -7.01 10.80
N PRO D 45 22.35 -8.20 11.35
CA PRO D 45 21.27 -9.08 11.78
C PRO D 45 20.46 -8.35 12.84
N GLY D 46 19.14 -8.46 12.78
CA GLY D 46 18.28 -7.83 13.77
C GLY D 46 17.29 -8.84 14.29
N ASP D 47 17.34 -9.08 15.61
CA ASP D 47 16.40 -9.99 16.25
C ASP D 47 15.84 -9.41 17.54
N ARG D 48 15.65 -8.10 17.58
CA ARG D 48 15.13 -7.46 18.78
C ARG D 48 14.52 -6.10 18.56
N LEU D 49 13.60 -5.79 19.42
CA LEU D 49 12.92 -4.55 19.38
C LEU D 49 13.42 -3.72 20.53
N TYR D 50 13.32 -2.41 20.42
CA TYR D 50 13.65 -1.56 21.54
C TYR D 50 12.47 -0.64 21.77
N VAL D 51 12.28 -0.29 23.04
CA VAL D 51 11.50 0.84 23.46
C VAL D 51 12.44 1.92 24.00
N VAL D 52 12.40 3.11 23.40
CA VAL D 52 13.14 4.25 23.91
C VAL D 52 12.50 4.71 25.22
N THR D 53 13.36 4.94 26.22
CA THR D 53 12.95 5.33 27.56
C THR D 53 13.31 6.79 27.80
N GLU D 54 14.48 7.21 27.32
CA GLU D 54 14.91 8.62 27.32
C GLU D 54 15.88 8.90 26.16
N GLY D 55 15.94 10.17 25.75
CA GLY D 55 16.71 10.57 24.57
C GLY D 55 16.04 10.26 23.23
N LYS D 56 16.78 10.47 22.15
CA LYS D 56 16.26 10.37 20.77
C LYS D 56 17.23 9.62 19.86
N VAL D 57 16.68 8.82 18.94
CA VAL D 57 17.46 7.99 18.02
C VAL D 57 17.06 8.24 16.56
N LYS D 58 18.06 8.36 15.70
CA LYS D 58 17.87 8.72 14.30
C LYS D 58 18.04 7.50 13.40
N LEU D 59 17.08 7.28 12.50
CA LEU D 59 17.22 6.19 11.53
C LEU D 59 17.47 6.74 10.15
N HIS D 60 18.50 6.23 9.46
CA HIS D 60 18.80 6.69 8.09
C HIS D 60 19.24 5.58 7.14
N ARG D 61 19.12 5.87 5.84
CA ARG D 61 19.81 5.15 4.77
C ARG D 61 20.58 6.17 3.94
N THR D 62 21.39 5.71 2.98
CA THR D 62 22.20 6.59 2.14
C THR D 62 22.02 6.25 0.67
N SER D 63 21.65 7.25 -0.14
CA SER D 63 21.35 7.07 -1.57
C SER D 63 22.58 6.90 -2.39
N PRO D 64 22.45 6.36 -3.58
CA PRO D 64 23.62 6.13 -4.44
C PRO D 64 24.44 7.38 -4.83
N ASP D 65 23.88 8.57 -4.59
CA ASP D 65 24.61 9.83 -4.80
C ASP D 65 25.44 10.23 -3.57
N GLY D 66 25.18 9.59 -2.44
CA GLY D 66 25.89 9.87 -1.20
C GLY D 66 25.10 10.65 -0.16
N ARG D 67 23.91 11.08 -0.52
CA ARG D 67 23.09 11.85 0.40
C ARG D 67 22.28 10.99 1.36
N GLU D 68 22.30 11.41 2.62
CA GLU D 68 21.52 10.80 3.70
C GLU D 68 20.03 10.85 3.41
N ASN D 69 19.38 9.71 3.54
CA ASN D 69 17.95 9.65 3.50
C ASN D 69 17.46 9.40 4.93
N LEU D 71 14.99 8.85 7.89
CA LEU D 71 13.73 8.12 7.91
C LEU D 71 12.87 8.33 9.14
N ALA D 72 13.49 8.59 10.28
CA ALA D 72 12.74 8.85 11.51
C ALA D 72 13.58 9.33 12.66
N VAL D 73 12.92 9.95 13.62
CA VAL D 73 13.51 10.24 14.91
C VAL D 73 12.59 9.60 15.94
N VAL D 74 13.15 8.67 16.71
CA VAL D 74 12.40 7.85 17.64
C VAL D 74 12.69 8.35 19.05
N GLY D 75 11.64 8.81 19.73
CA GLY D 75 11.77 9.35 21.06
C GLY D 75 11.14 8.48 22.13
N PRO D 76 11.13 8.98 23.40
CA PRO D 76 10.61 8.23 24.54
C PRO D 76 9.25 7.60 24.34
N SER D 77 9.19 6.32 24.72
CA SER D 77 8.04 5.39 24.55
C SER D 77 7.77 4.86 23.12
N GLU D 78 8.56 5.27 22.13
CA GLU D 78 8.39 4.74 20.78
C GLU D 78 9.27 3.53 20.50
N LEU D 79 8.84 2.72 19.55
CA LEU D 79 9.48 1.45 19.23
C LEU D 79 10.53 1.56 18.14
N ILE D 80 11.58 0.74 18.25
CA ILE D 80 12.52 0.53 17.17
C ILE D 80 12.54 -0.97 16.89
N GLY D 81 12.54 -1.35 15.62
CA GLY D 81 12.70 -2.74 15.24
C GLY D 81 11.57 -3.64 15.70
N GLU D 82 10.36 -3.08 15.82
CA GLU D 82 9.21 -3.85 16.30
C GLU D 82 9.11 -5.25 15.71
N LEU D 83 9.08 -5.35 14.39
CA LEU D 83 8.81 -6.66 13.77
C LEU D 83 9.96 -7.68 13.84
N SER D 84 11.16 -7.21 14.23
CA SER D 84 12.34 -8.06 14.44
C SER D 84 12.12 -9.03 15.58
N LEU D 85 11.34 -8.60 16.57
CA LEU D 85 10.99 -9.48 17.69
C LEU D 85 10.35 -10.78 17.23
N PHE D 86 9.54 -10.70 16.17
CA PHE D 86 8.73 -11.84 15.72
C PHE D 86 9.36 -12.52 14.54
N ASP D 87 10.05 -11.73 13.72
CA ASP D 87 10.64 -12.26 12.50
C ASP D 87 12.00 -11.59 12.23
N PRO D 88 13.06 -12.11 12.87
CA PRO D 88 14.43 -11.60 12.71
C PRO D 88 14.86 -11.50 11.24
N GLY D 89 15.56 -10.43 10.92
CA GLY D 89 16.05 -10.18 9.56
C GLY D 89 17.02 -9.02 9.60
N PRO D 90 17.69 -8.73 8.47
CA PRO D 90 18.65 -7.63 8.36
C PRO D 90 18.01 -6.26 8.63
N ARG D 91 18.71 -5.43 9.41
CA ARG D 91 18.22 -4.07 9.68
C ARG D 91 18.04 -3.31 8.37
N THR D 92 16.96 -2.56 8.25
CA THR D 92 16.69 -1.81 7.02
C THR D 92 17.19 -0.37 7.09
N ALA D 93 17.77 -0.01 8.23
CA ALA D 93 18.30 1.34 8.45
C ALA D 93 19.41 1.32 9.49
N THR D 94 20.23 2.37 9.46
CA THR D 94 21.22 2.62 10.50
C THR D 94 20.61 3.51 11.58
N GLY D 95 20.77 3.11 12.84
CA GLY D 95 20.22 3.84 13.99
C GLY D 95 21.35 4.48 14.76
N THR D 96 21.18 5.76 15.10
CA THR D 96 22.25 6.62 15.54
C THR D 96 21.76 7.52 16.69
N ALA D 97 22.46 7.52 17.82
CA ALA D 97 22.03 8.31 18.98
C ALA D 97 22.21 9.83 18.74
N LEU D 98 21.13 10.58 18.89
CA LEU D 98 21.19 12.03 18.67
C LEU D 98 21.53 12.72 19.97
N THR D 99 21.35 11.98 21.06
CA THR D 99 21.44 12.44 22.44
C THR D 99 21.93 11.26 23.25
N GLU D 100 22.19 11.49 24.55
CA GLU D 100 22.32 10.41 25.52
CA GLU D 100 22.33 10.39 25.50
C GLU D 100 21.00 9.65 25.50
N VAL D 101 21.05 8.34 25.25
CA VAL D 101 19.81 7.56 25.13
C VAL D 101 19.75 6.42 26.16
N LYS D 102 18.52 6.14 26.60
CA LYS D 102 18.19 4.91 27.33
C LYS D 102 17.07 4.14 26.60
N LEU D 103 17.29 2.85 26.41
CA LEU D 103 16.27 1.99 25.82
C LEU D 103 16.12 0.72 26.63
N LEU D 104 15.01 0.03 26.40
CA LEU D 104 14.79 -1.32 26.91
C LEU D 104 14.70 -2.21 25.69
N ALA D 105 15.37 -3.35 25.73
CA ALA D 105 15.37 -4.29 24.61
C ALA D 105 14.70 -5.60 24.97
N LEU D 106 13.95 -6.14 24.02
CA LEU D 106 13.42 -7.50 24.09
C LEU D 106 13.84 -8.24 22.82
N GLY D 107 14.52 -9.37 22.97
CA GLY D 107 15.01 -10.14 21.83
C GLY D 107 14.08 -11.26 21.46
N HIS D 108 14.16 -11.69 20.20
CA HIS D 108 13.40 -12.84 19.69
C HIS D 108 13.54 -14.10 20.55
N GLY D 109 14.76 -14.39 21.02
CA GLY D 109 15.04 -15.56 21.88
C GLY D 109 14.37 -15.48 23.24
N ASP D 110 13.95 -14.28 23.64
CA ASP D 110 13.26 -14.07 24.91
C ASP D 110 11.75 -14.21 24.74
N LEU D 111 11.30 -14.35 23.50
CA LEU D 111 9.87 -14.37 23.18
C LEU D 111 9.15 -15.65 23.66
N GLN D 112 9.60 -16.80 23.15
CA GLN D 112 9.06 -18.10 23.57
C GLN D 112 8.99 -18.30 25.11
N PRO D 113 10.11 -18.04 25.84
CA PRO D 113 10.06 -18.16 27.30
C PRO D 113 9.00 -17.28 27.98
N TRP D 114 8.91 -16.02 27.56
CA TRP D 114 7.83 -15.12 28.00
C TRP D 114 6.44 -15.67 27.65
N LEU D 115 6.27 -16.14 26.42
CA LEU D 115 4.96 -16.63 25.95
C LEU D 115 4.55 -18.03 26.41
N ASN D 116 5.53 -18.88 26.72
CA ASN D 116 5.27 -20.23 27.25
C ASN D 116 4.31 -20.15 28.42
N VAL D 117 4.67 -19.31 29.40
CA VAL D 117 3.85 -19.08 30.57
C VAL D 117 2.52 -18.41 30.19
N ARG D 118 2.61 -17.45 29.26
CA ARG D 118 1.53 -16.50 29.04
C ARG D 118 0.90 -16.58 27.63
N PRO D 119 -0.04 -17.51 27.42
CA PRO D 119 -0.67 -17.55 26.12
C PRO D 119 -1.79 -16.50 26.02
N GLU D 120 -2.18 -15.90 27.14
CA GLU D 120 -3.03 -14.71 27.16
C GLU D 120 -2.32 -13.53 26.49
N VAL D 121 -0.99 -13.53 26.59
CA VAL D 121 -0.20 -12.45 26.02
C VAL D 121 -0.04 -12.69 24.52
N ALA D 122 0.19 -13.95 24.14
CA ALA D 122 0.38 -14.32 22.74
C ALA D 122 -0.82 -13.90 21.88
N THR D 123 -2.02 -14.00 22.44
CA THR D 123 -3.21 -13.68 21.68
C THR D 123 -3.33 -12.16 21.56
N ALA D 124 -2.89 -11.44 22.58
CA ALA D 124 -2.93 -9.98 22.56
C ALA D 124 -1.94 -9.42 21.55
N LEU D 125 -0.76 -10.04 21.49
CA LEU D 125 0.27 -9.74 20.48
C LEU D 125 -0.19 -10.05 19.06
N LEU D 126 -0.84 -11.19 18.87
CA LEU D 126 -1.43 -11.58 17.58
C LEU D 126 -2.53 -10.61 17.15
N ARG D 127 -3.38 -10.18 18.08
CA ARG D 127 -4.44 -9.21 17.76
C ARG D 127 -3.81 -7.89 17.28
N ALA D 128 -2.77 -7.45 17.98
CA ALA D 128 -2.10 -6.18 17.70
C ALA D 128 -1.53 -6.16 16.30
N VAL D 129 -0.73 -7.18 15.99
CA VAL D 129 -0.09 -7.28 14.68
C VAL D 129 -1.11 -7.50 13.55
N ALA D 130 -2.16 -8.29 13.80
CA ALA D 130 -3.22 -8.53 12.81
C ALA D 130 -4.07 -7.28 12.51
N ARG D 131 -4.37 -6.48 13.54
CA ARG D 131 -4.98 -5.14 13.38
C ARG D 131 -4.21 -4.29 12.35
N ARG D 132 -2.89 -4.25 12.50
CA ARG D 132 -2.02 -3.52 11.57
C ARG D 132 -2.06 -4.08 10.13
N LEU D 133 -1.92 -5.41 10.01
CA LEU D 133 -2.01 -6.08 8.70
C LEU D 133 -3.35 -5.84 8.01
N ARG D 134 -4.41 -5.86 8.80
CA ARG D 134 -5.76 -5.63 8.32
C ARG D 134 -5.79 -4.32 7.51
N LYS D 135 -5.46 -3.20 8.16
CA LYS D 135 -5.48 -1.89 7.50
C LYS D 135 -4.56 -1.76 6.29
N THR D 136 -3.38 -2.36 6.37
CA THR D 136 -2.40 -2.30 5.27
C THR D 136 -2.95 -2.86 3.95
N ASN D 137 -3.22 -4.17 3.91
CA ASN D 137 -3.65 -4.79 2.64
C ASN D 137 -5.04 -4.36 2.18
N ASP D 138 -5.83 -3.83 3.11
CA ASP D 138 -7.06 -3.12 2.73
C ASP D 138 -6.70 -1.88 1.89
N ALA D 139 -5.90 -0.99 2.47
CA ALA D 139 -5.42 0.20 1.77
C ALA D 139 -4.60 -0.21 0.56
N LEU D 143 -5.92 0.59 -2.68
CA LEU D 143 -5.75 0.54 -4.12
C LEU D 143 -6.60 -0.55 -4.72
N VAL D 144 -6.74 -0.51 -6.05
CA VAL D 144 -7.21 -1.68 -6.78
C VAL D 144 -6.30 -2.11 -7.95
N PHE D 145 -6.39 -1.40 -9.07
CA PHE D 145 -6.22 -2.01 -10.40
C PHE D 145 -6.39 -3.55 -10.53
N SER D 146 -7.64 -3.87 -10.58
CA SER D 146 -8.12 -5.14 -11.01
C SER D 146 -8.64 -4.93 -12.42
N ASP D 147 -7.86 -4.24 -13.26
CA ASP D 147 -8.31 -3.93 -14.64
C ASP D 147 -7.36 -4.41 -15.77
N GLY D 148 -6.30 -5.12 -15.39
CA GLY D 148 -5.32 -5.62 -16.33
C GLY D 148 -4.57 -4.49 -16.98
N SER D 149 -4.16 -3.50 -16.18
CA SER D 149 -3.32 -2.42 -16.70
C SER D 149 -1.98 -3.05 -17.09
#